data_8D00
#
_entry.id   8D00
#
_cell.length_a   72.843
_cell.length_b   78.456
_cell.length_c   131.938
_cell.angle_alpha   90.000
_cell.angle_beta   90.000
_cell.angle_gamma   90.000
#
_symmetry.space_group_name_H-M   'I 2 2 2'
#
loop_
_entity.id
_entity.type
_entity.pdbx_description
1 polymer 'Microtubule-associated protein TORTIFOLIA1'
2 non-polymer 'IODIDE ION'
3 water water
#
_entity_poly.entity_id   1
_entity_poly.type   'polypeptide(L)'
_entity_poly.pdbx_seq_one_letter_code
;GSHMLTSFQAMVELKQKILTSISKLADRDTYQIAVEDLEKTIQSLTPETLPMFLNCLYDSCSDPKPAVKKECLHLLSYVC
SLHCDSTAAHLTKIIAQIVKRLKDSDSGVRDACRDTIGALSGIYLKGKEEGTNTGSASLAVGLFVKPLFEAMGEQNKVVQ
SGASMCMARMVESAASPPVTSFQKLCPRICKLLSNSSFLAKASLLPVVSSLSQVGAIAPQSLESLLESIHDCLGSTDWVT
RKAAAETLTALASHSSGLIKEKTDSTITVLETCRFDKIKPVRESVTEALQLWKKISGKYVDGASD
;
_entity_poly.pdbx_strand_id   A
#
# COMPACT_ATOMS: atom_id res chain seq x y z
N GLY A 1 -30.19 -32.57 8.95
CA GLY A 1 -31.64 -32.68 9.00
C GLY A 1 -32.35 -31.37 9.32
N SER A 2 -32.66 -31.17 10.61
CA SER A 2 -33.40 -30.00 11.06
C SER A 2 -32.46 -28.84 11.39
N HIS A 3 -31.37 -29.11 12.12
CA HIS A 3 -30.45 -28.04 12.49
C HIS A 3 -29.70 -27.52 11.28
N MET A 4 -29.21 -28.42 10.41
CA MET A 4 -28.51 -27.98 9.21
C MET A 4 -29.43 -27.14 8.33
N LEU A 5 -30.67 -27.58 8.15
CA LEU A 5 -31.64 -26.84 7.35
C LEU A 5 -31.95 -25.48 7.97
N THR A 6 -32.05 -25.41 9.30
CA THR A 6 -32.33 -24.14 9.95
C THR A 6 -31.17 -23.16 9.79
N SER A 7 -29.93 -23.66 9.91
CA SER A 7 -28.79 -22.79 9.67
C SER A 7 -28.73 -22.35 8.22
N PHE A 8 -29.09 -23.25 7.30
CA PHE A 8 -29.19 -22.88 5.88
C PHE A 8 -30.18 -21.73 5.68
N GLN A 9 -31.36 -21.84 6.29
CA GLN A 9 -32.37 -20.80 6.11
C GLN A 9 -31.89 -19.47 6.68
N ALA A 10 -31.29 -19.50 7.87
CA ALA A 10 -30.76 -18.28 8.47
C ALA A 10 -29.69 -17.65 7.58
N MET A 11 -28.75 -18.46 7.10
CA MET A 11 -27.65 -17.96 6.29
C MET A 11 -28.17 -17.37 4.98
N VAL A 12 -29.15 -18.03 4.35
CA VAL A 12 -29.68 -17.53 3.09
C VAL A 12 -30.45 -16.23 3.32
N GLU A 13 -31.19 -16.13 4.42
CA GLU A 13 -31.90 -14.90 4.72
C GLU A 13 -30.93 -13.74 4.94
N LEU A 14 -29.84 -14.02 5.67
CA LEU A 14 -28.85 -12.96 5.90
C LEU A 14 -28.18 -12.55 4.59
N LYS A 15 -27.82 -13.51 3.74
CA LYS A 15 -27.24 -13.17 2.43
C LYS A 15 -28.23 -12.35 1.60
N GLN A 16 -29.51 -12.69 1.65
CA GLN A 16 -30.55 -11.91 0.99
C GLN A 16 -30.49 -10.46 1.43
N LYS A 17 -30.54 -10.23 2.75
CA LYS A 17 -30.55 -8.87 3.26
C LYS A 17 -29.28 -8.12 2.85
N ILE A 18 -28.13 -8.79 2.97
CA ILE A 18 -26.85 -8.15 2.66
C ILE A 18 -26.79 -7.75 1.19
N LEU A 19 -27.13 -8.67 0.30
CA LEU A 19 -27.07 -8.35 -1.13
C LEU A 19 -28.09 -7.28 -1.50
N THR A 20 -29.25 -7.28 -0.86
CA THR A 20 -30.23 -6.22 -1.13
C THR A 20 -29.69 -4.85 -0.73
N SER A 21 -29.09 -4.75 0.45
CA SER A 21 -28.52 -3.47 0.87
C SER A 21 -27.36 -3.06 -0.03
N ILE A 22 -26.53 -4.03 -0.45
CA ILE A 22 -25.40 -3.70 -1.31
C ILE A 22 -25.87 -3.20 -2.67
N SER A 23 -26.90 -3.85 -3.23
CA SER A 23 -27.43 -3.39 -4.51
C SER A 23 -28.09 -2.02 -4.36
N LYS A 24 -28.78 -1.78 -3.25
CA LYS A 24 -29.40 -0.48 -3.02
C LYS A 24 -28.36 0.61 -2.80
N LEU A 25 -27.15 0.25 -2.39
CA LEU A 25 -26.06 1.23 -2.33
C LEU A 25 -25.87 1.95 -3.65
N ALA A 26 -26.19 1.29 -4.77
CA ALA A 26 -25.95 1.85 -6.10
C ALA A 26 -26.84 3.05 -6.39
N ASP A 27 -27.92 3.24 -5.63
CA ASP A 27 -28.79 4.38 -5.79
C ASP A 27 -28.33 5.52 -4.89
N ARG A 28 -28.56 6.75 -5.35
CA ARG A 28 -28.04 7.92 -4.65
C ARG A 28 -28.86 8.25 -3.40
N ASP A 29 -30.18 8.15 -3.47
CA ASP A 29 -31.01 8.45 -2.31
C ASP A 29 -31.14 7.25 -1.38
N THR A 30 -30.98 6.02 -1.89
CA THR A 30 -30.96 4.82 -1.05
C THR A 30 -29.55 4.34 -0.80
N TYR A 31 -28.61 5.26 -0.59
CA TYR A 31 -27.22 4.94 -0.29
C TYR A 31 -26.92 4.99 1.20
N GLN A 32 -27.41 6.00 1.92
CA GLN A 32 -27.01 6.19 3.30
C GLN A 32 -27.69 5.20 4.24
N ILE A 33 -29.01 5.00 4.07
CA ILE A 33 -29.71 4.03 4.89
C ILE A 33 -29.15 2.62 4.64
N ALA A 34 -28.74 2.34 3.41
CA ALA A 34 -28.13 1.05 3.12
C ALA A 34 -26.77 0.92 3.82
N VAL A 35 -25.99 2.01 3.84
CA VAL A 35 -24.74 2.01 4.60
C VAL A 35 -25.02 1.70 6.07
N GLU A 36 -26.06 2.33 6.63
CA GLU A 36 -26.37 2.11 8.04
C GLU A 36 -26.81 0.68 8.30
N ASP A 37 -27.61 0.10 7.39
CA ASP A 37 -28.04 -1.28 7.55
C ASP A 37 -26.85 -2.24 7.46
N LEU A 38 -25.96 -2.01 6.50
CA LEU A 38 -24.78 -2.87 6.38
C LEU A 38 -23.89 -2.75 7.61
N GLU A 39 -23.76 -1.55 8.16
CA GLU A 39 -22.95 -1.38 9.37
C GLU A 39 -23.60 -2.09 10.57
N LYS A 40 -24.92 -1.96 10.71
CA LYS A 40 -25.61 -2.67 11.79
C LYS A 40 -25.46 -4.17 11.65
N THR A 41 -25.43 -4.69 10.42
CA THR A 41 -25.20 -6.12 10.23
C THR A 41 -23.75 -6.49 10.56
N ILE A 42 -22.80 -5.63 10.19
CA ILE A 42 -21.40 -5.84 10.59
C ILE A 42 -21.30 -5.99 12.10
N GLN A 43 -22.01 -5.13 12.85
CA GLN A 43 -21.93 -5.19 14.30
C GLN A 43 -22.29 -6.56 14.83
N SER A 44 -23.36 -7.16 14.31
CA SER A 44 -23.90 -8.42 14.82
C SER A 44 -23.29 -9.65 14.14
N LEU A 45 -22.10 -9.53 13.56
CA LEU A 45 -21.47 -10.67 12.92
C LEU A 45 -20.80 -11.56 13.94
N THR A 46 -20.85 -12.87 13.70
CA THR A 46 -20.22 -13.88 14.52
C THR A 46 -19.19 -14.63 13.69
N PRO A 47 -18.27 -15.36 14.35
CA PRO A 47 -17.25 -16.12 13.60
C PRO A 47 -17.80 -17.07 12.52
N GLU A 48 -19.08 -17.41 12.59
CA GLU A 48 -19.68 -18.23 11.54
C GLU A 48 -20.42 -17.42 10.48
N THR A 49 -20.98 -16.26 10.84
CA THR A 49 -21.63 -15.39 9.86
C THR A 49 -20.66 -14.38 9.27
N LEU A 50 -19.38 -14.44 9.62
CA LEU A 50 -18.38 -13.55 9.09
C LEU A 50 -17.97 -13.94 7.66
N PRO A 51 -17.61 -15.21 7.40
CA PRO A 51 -17.16 -15.56 6.04
C PRO A 51 -18.26 -15.39 4.99
N MET A 52 -19.53 -15.54 5.35
CA MET A 52 -20.59 -15.31 4.37
C MET A 52 -20.69 -13.83 4.00
N PHE A 53 -20.60 -12.94 4.99
CA PHE A 53 -20.56 -11.51 4.68
C PHE A 53 -19.34 -11.17 3.82
N LEU A 54 -18.19 -11.78 4.13
CA LEU A 54 -17.00 -11.53 3.33
C LEU A 54 -17.18 -12.01 1.90
N ASN A 55 -17.81 -13.18 1.71
CA ASN A 55 -18.07 -13.67 0.36
C ASN A 55 -19.04 -12.77 -0.39
N CYS A 56 -20.03 -12.21 0.33
CA CYS A 56 -20.91 -11.22 -0.28
C CYS A 56 -20.12 -10.02 -0.78
N LEU A 57 -19.25 -9.48 0.07
CA LEU A 57 -18.41 -8.35 -0.34
C LEU A 57 -17.54 -8.71 -1.53
N TYR A 58 -16.96 -9.91 -1.53
CA TYR A 58 -16.09 -10.33 -2.63
C TYR A 58 -16.87 -10.37 -3.94
N ASP A 59 -18.03 -11.05 -3.94
CA ASP A 59 -18.83 -11.10 -5.16
C ASP A 59 -19.41 -9.75 -5.53
N SER A 60 -19.49 -8.81 -4.59
CA SER A 60 -19.98 -7.48 -4.87
C SER A 60 -18.87 -6.50 -5.26
N CYS A 61 -17.60 -6.86 -5.02
CA CYS A 61 -16.49 -5.99 -5.39
C CYS A 61 -16.27 -5.91 -6.89
N SER A 62 -16.98 -6.71 -7.69
CA SER A 62 -16.81 -6.70 -9.13
C SER A 62 -17.99 -6.05 -9.85
N ASP A 63 -18.87 -5.37 -9.13
CA ASP A 63 -19.98 -4.68 -9.77
C ASP A 63 -19.43 -3.52 -10.62
N PRO A 64 -19.99 -3.30 -11.81
CA PRO A 64 -19.45 -2.25 -12.68
C PRO A 64 -19.57 -0.85 -12.12
N LYS A 65 -20.59 -0.59 -11.30
CA LYS A 65 -20.76 0.75 -10.75
C LYS A 65 -19.70 1.02 -9.70
N PRO A 66 -18.86 2.05 -9.88
CA PRO A 66 -17.66 2.19 -9.02
C PRO A 66 -17.98 2.57 -7.58
N ALA A 67 -19.12 3.23 -7.33
CA ALA A 67 -19.48 3.56 -5.95
C ALA A 67 -19.68 2.30 -5.12
N VAL A 68 -20.26 1.26 -5.74
CA VAL A 68 -20.44 -0.02 -5.05
C VAL A 68 -19.10 -0.62 -4.67
N LYS A 69 -18.13 -0.59 -5.59
CA LYS A 69 -16.80 -1.12 -5.29
C LYS A 69 -16.14 -0.34 -4.17
N LYS A 70 -16.20 0.99 -4.23
CA LYS A 70 -15.61 1.82 -3.18
C LYS A 70 -16.21 1.46 -1.82
N GLU A 71 -17.54 1.37 -1.74
CA GLU A 71 -18.16 1.07 -0.46
C GLU A 71 -17.86 -0.34 0.00
N CYS A 72 -17.68 -1.29 -0.92
CA CYS A 72 -17.34 -2.65 -0.51
C CYS A 72 -15.93 -2.72 0.05
N LEU A 73 -15.00 -1.96 -0.52
CA LEU A 73 -13.67 -1.87 0.07
C LEU A 73 -13.72 -1.22 1.45
N HIS A 74 -14.50 -0.16 1.60
CA HIS A 74 -14.64 0.47 2.90
C HIS A 74 -15.32 -0.47 3.89
N LEU A 75 -16.20 -1.36 3.43
CA LEU A 75 -16.82 -2.33 4.31
C LEU A 75 -15.83 -3.42 4.74
N LEU A 76 -14.94 -3.82 3.84
CA LEU A 76 -13.83 -4.69 4.24
C LEU A 76 -13.04 -4.06 5.38
N SER A 77 -12.67 -2.79 5.20
CA SER A 77 -12.01 -2.06 6.29
C SER A 77 -12.84 -2.05 7.56
N TYR A 78 -14.14 -1.78 7.43
CA TYR A 78 -15.01 -1.63 8.59
C TYR A 78 -15.11 -2.93 9.37
N VAL A 79 -15.32 -4.05 8.65
CA VAL A 79 -15.44 -5.35 9.30
C VAL A 79 -14.12 -5.75 9.94
N CYS A 80 -12.98 -5.36 9.34
CA CYS A 80 -11.72 -5.66 9.99
C CYS A 80 -11.52 -4.79 11.23
N SER A 81 -12.09 -3.58 11.25
CA SER A 81 -12.00 -2.75 12.45
C SER A 81 -12.90 -3.25 13.57
N LEU A 82 -14.06 -3.82 13.22
CA LEU A 82 -15.02 -4.25 14.23
C LEU A 82 -14.79 -5.69 14.71
N HIS A 83 -14.19 -6.55 13.87
CA HIS A 83 -13.93 -7.94 14.22
C HIS A 83 -12.53 -8.33 13.74
N CYS A 84 -11.52 -7.71 14.35
CA CYS A 84 -10.15 -7.91 13.86
C CYS A 84 -9.67 -9.33 14.12
N ASP A 85 -9.89 -9.84 15.33
CA ASP A 85 -9.48 -11.21 15.64
C ASP A 85 -10.16 -12.23 14.74
N SER A 86 -11.43 -11.97 14.38
CA SER A 86 -12.16 -12.91 13.53
C SER A 86 -11.73 -12.82 12.07
N THR A 87 -11.36 -11.64 11.60
CA THR A 87 -10.98 -11.45 10.20
C THR A 87 -9.49 -11.65 9.94
N ALA A 88 -8.69 -11.85 11.00
CA ALA A 88 -7.26 -12.08 10.80
C ALA A 88 -7.00 -13.31 9.95
N ALA A 89 -7.93 -14.26 9.92
CA ALA A 89 -7.75 -15.47 9.13
C ALA A 89 -8.08 -15.25 7.65
N HIS A 90 -9.08 -14.42 7.37
CA HIS A 90 -9.49 -14.12 6.00
C HIS A 90 -8.76 -12.94 5.40
N LEU A 91 -7.85 -12.32 6.16
CA LEU A 91 -6.99 -11.25 5.68
C LEU A 91 -6.38 -11.56 4.31
N THR A 92 -5.98 -12.81 4.08
CA THR A 92 -5.36 -13.17 2.79
C THR A 92 -6.32 -12.95 1.63
N LYS A 93 -7.54 -13.51 1.74
CA LYS A 93 -8.52 -13.33 0.68
C LYS A 93 -8.92 -11.86 0.54
N ILE A 94 -8.94 -11.12 1.66
CA ILE A 94 -9.29 -9.71 1.61
C ILE A 94 -8.28 -8.93 0.78
N ILE A 95 -6.99 -9.08 1.13
CA ILE A 95 -5.93 -8.42 0.39
C ILE A 95 -5.92 -8.85 -1.07
N ALA A 96 -6.25 -10.13 -1.33
CA ALA A 96 -6.32 -10.59 -2.71
C ALA A 96 -7.41 -9.84 -3.48
N GLN A 97 -8.58 -9.63 -2.85
CA GLN A 97 -9.63 -8.88 -3.53
C GLN A 97 -9.22 -7.44 -3.80
N ILE A 98 -8.50 -6.82 -2.84
CA ILE A 98 -8.03 -5.45 -3.06
C ILE A 98 -7.04 -5.40 -4.22
N VAL A 99 -6.11 -6.37 -4.28
CA VAL A 99 -5.14 -6.39 -5.36
C VAL A 99 -5.84 -6.59 -6.70
N LYS A 100 -6.89 -7.42 -6.72
CA LYS A 100 -7.68 -7.56 -7.93
C LYS A 100 -8.33 -6.24 -8.34
N ARG A 101 -8.81 -5.46 -7.37
CA ARG A 101 -9.40 -4.17 -7.69
C ARG A 101 -8.36 -3.11 -8.09
N LEU A 102 -7.08 -3.37 -7.81
CA LEU A 102 -6.04 -2.40 -8.18
C LEU A 102 -6.03 -2.05 -9.67
N LYS A 103 -6.65 -2.85 -10.53
CA LYS A 103 -6.57 -2.61 -11.97
C LYS A 103 -7.53 -1.52 -12.46
N ASP A 104 -8.45 -1.06 -11.62
CA ASP A 104 -9.43 -0.07 -12.06
C ASP A 104 -8.77 1.30 -12.22
N SER A 105 -9.26 2.06 -13.20
CA SER A 105 -8.76 3.39 -13.47
C SER A 105 -9.50 4.47 -12.71
N ASP A 106 -10.65 4.15 -12.13
CA ASP A 106 -11.44 5.14 -11.40
C ASP A 106 -10.64 5.66 -10.20
N SER A 107 -10.56 7.00 -10.09
CA SER A 107 -9.84 7.62 -8.98
C SER A 107 -10.38 7.16 -7.63
N GLY A 108 -11.71 7.12 -7.49
CA GLY A 108 -12.29 6.73 -6.22
C GLY A 108 -12.00 5.29 -5.86
N VAL A 109 -11.99 4.41 -6.87
CA VAL A 109 -11.71 2.99 -6.61
C VAL A 109 -10.26 2.81 -6.14
N ARG A 110 -9.32 3.45 -6.83
CA ARG A 110 -7.91 3.32 -6.44
C ARG A 110 -7.65 3.97 -5.08
N ASP A 111 -8.29 5.12 -4.82
CA ASP A 111 -8.17 5.74 -3.50
C ASP A 111 -8.74 4.85 -2.41
N ALA A 112 -9.87 4.20 -2.68
CA ALA A 112 -10.45 3.27 -1.71
C ALA A 112 -9.52 2.09 -1.48
N CYS A 113 -8.88 1.60 -2.55
CA CYS A 113 -7.91 0.51 -2.38
C CYS A 113 -6.78 0.93 -1.45
N ARG A 114 -6.22 2.11 -1.68
CA ARG A 114 -5.12 2.58 -0.85
C ARG A 114 -5.56 2.78 0.60
N ASP A 115 -6.75 3.35 0.80
CA ASP A 115 -7.24 3.57 2.15
C ASP A 115 -7.53 2.26 2.87
N THR A 116 -8.04 1.26 2.15
CA THR A 116 -8.29 -0.04 2.75
C THR A 116 -6.98 -0.72 3.13
N ILE A 117 -5.98 -0.67 2.24
CA ILE A 117 -4.67 -1.22 2.57
C ILE A 117 -4.10 -0.53 3.79
N GLY A 118 -4.23 0.80 3.87
CA GLY A 118 -3.74 1.53 5.02
C GLY A 118 -4.43 1.13 6.29
N ALA A 119 -5.76 1.02 6.25
CA ALA A 119 -6.50 0.60 7.44
C ALA A 119 -6.09 -0.80 7.89
N LEU A 120 -5.97 -1.73 6.94
CA LEU A 120 -5.54 -3.08 7.30
C LEU A 120 -4.15 -3.08 7.91
N SER A 121 -3.23 -2.30 7.35
CA SER A 121 -1.89 -2.22 7.93
C SER A 121 -1.93 -1.62 9.33
N GLY A 122 -2.75 -0.59 9.53
CA GLY A 122 -2.87 0.01 10.85
C GLY A 122 -3.47 -0.92 11.87
N ILE A 123 -4.30 -1.86 11.42
CA ILE A 123 -4.91 -2.83 12.32
C ILE A 123 -3.93 -3.96 12.65
N TYR A 124 -3.42 -4.63 11.62
CA TYR A 124 -2.72 -5.90 11.80
C TYR A 124 -1.20 -5.79 11.84
N LEU A 125 -0.63 -4.65 11.46
CA LEU A 125 0.82 -4.50 11.46
C LEU A 125 1.32 -3.66 12.63
N LYS A 126 0.43 -3.19 13.50
CA LYS A 126 0.83 -2.40 14.65
C LYS A 126 1.39 -3.30 15.75
N GLY A 127 2.57 -2.93 16.27
CA GLY A 127 3.16 -3.64 17.38
C GLY A 127 3.48 -5.09 17.13
N LYS A 128 3.56 -5.50 15.86
CA LYS A 128 3.85 -6.88 15.51
C LYS A 128 5.30 -7.27 15.73
N GLU A 129 6.12 -6.40 16.30
CA GLU A 129 7.55 -6.65 16.45
C GLU A 129 8.01 -6.20 17.84
N GLU A 130 7.28 -6.61 18.87
CA GLU A 130 7.56 -6.22 20.25
C GLU A 130 7.70 -7.49 21.08
N GLY A 131 8.94 -7.90 21.34
CA GLY A 131 9.20 -9.11 22.09
C GLY A 131 10.43 -9.84 21.58
N THR A 132 10.43 -11.16 21.71
CA THR A 132 11.54 -11.99 21.26
C THR A 132 11.24 -12.74 19.97
N ASN A 133 9.99 -13.14 19.75
CA ASN A 133 9.59 -13.87 18.55
C ASN A 133 9.26 -12.90 17.42
N THR A 134 9.71 -13.24 16.21
CA THR A 134 9.50 -12.40 15.02
C THR A 134 8.95 -13.23 13.87
N GLY A 135 8.02 -14.13 14.17
CA GLY A 135 7.43 -14.96 13.15
C GLY A 135 6.08 -14.45 12.68
N SER A 136 5.24 -14.03 13.62
CA SER A 136 3.94 -13.47 13.26
C SER A 136 4.10 -12.20 12.43
N ALA A 137 5.14 -11.41 12.71
CA ALA A 137 5.40 -10.20 11.94
C ALA A 137 5.73 -10.53 10.49
N SER A 138 6.58 -11.54 10.28
CA SER A 138 6.93 -11.93 8.91
C SER A 138 5.69 -12.34 8.13
N LEU A 139 4.85 -13.20 8.73
CA LEU A 139 3.63 -13.64 8.05
C LEU A 139 2.70 -12.46 7.77
N ALA A 140 2.52 -11.59 8.77
CA ALA A 140 1.64 -10.43 8.60
C ALA A 140 2.11 -9.56 7.44
N VAL A 141 3.38 -9.16 7.45
CA VAL A 141 3.89 -8.30 6.38
C VAL A 141 3.88 -9.01 5.04
N GLY A 142 4.08 -10.33 5.02
CA GLY A 142 4.04 -11.06 3.77
C GLY A 142 2.66 -11.08 3.16
N LEU A 143 1.63 -11.25 3.99
CA LEU A 143 0.25 -11.21 3.49
C LEU A 143 -0.01 -9.96 2.66
N PHE A 144 0.64 -8.85 2.99
CA PHE A 144 0.53 -7.62 2.21
C PHE A 144 1.49 -7.61 1.03
N VAL A 145 2.77 -7.89 1.28
CA VAL A 145 3.78 -7.61 0.25
C VAL A 145 3.78 -8.65 -0.87
N LYS A 146 3.48 -9.93 -0.58
CA LYS A 146 3.49 -10.93 -1.64
C LYS A 146 2.49 -10.61 -2.75
N PRO A 147 1.20 -10.40 -2.48
CA PRO A 147 0.30 -10.01 -3.58
C PRO A 147 0.63 -8.66 -4.17
N LEU A 148 1.16 -7.72 -3.38
CA LEU A 148 1.54 -6.42 -3.92
C LEU A 148 2.68 -6.55 -4.91
N PHE A 149 3.73 -7.29 -4.55
CA PHE A 149 4.83 -7.50 -5.48
C PHE A 149 4.39 -8.31 -6.69
N GLU A 150 3.47 -9.26 -6.50
CA GLU A 150 2.93 -10.00 -7.64
C GLU A 150 2.19 -9.07 -8.60
N ALA A 151 1.36 -8.16 -8.07
CA ALA A 151 0.70 -7.17 -8.90
C ALA A 151 1.70 -6.22 -9.55
N MET A 152 2.80 -5.92 -8.86
CA MET A 152 3.86 -5.12 -9.46
C MET A 152 4.56 -5.86 -10.59
N GLY A 153 4.48 -7.20 -10.59
CA GLY A 153 4.99 -7.98 -11.69
C GLY A 153 4.15 -7.99 -12.95
N GLU A 154 2.96 -7.39 -12.94
CA GLU A 154 2.09 -7.40 -14.10
C GLU A 154 2.49 -6.33 -15.10
N GLN A 155 2.20 -6.58 -16.38
CA GLN A 155 2.49 -5.61 -17.43
C GLN A 155 1.30 -4.67 -17.61
N ASN A 156 1.12 -3.83 -16.59
CA ASN A 156 0.06 -2.82 -16.59
C ASN A 156 0.52 -1.70 -15.67
N LYS A 157 0.82 -0.52 -16.24
CA LYS A 157 1.31 0.59 -15.43
C LYS A 157 0.28 1.01 -14.39
N VAL A 158 -1.01 0.88 -14.70
CA VAL A 158 -2.04 1.23 -13.72
C VAL A 158 -1.92 0.34 -12.49
N VAL A 159 -1.77 -0.97 -12.71
CA VAL A 159 -1.67 -1.92 -11.60
C VAL A 159 -0.37 -1.71 -10.83
N GLN A 160 0.73 -1.47 -11.54
CA GLN A 160 2.00 -1.23 -10.86
C GLN A 160 1.94 0.03 -10.01
N SER A 161 1.35 1.10 -10.56
CA SER A 161 1.19 2.34 -9.82
C SER A 161 0.32 2.15 -8.58
N GLY A 162 -0.80 1.43 -8.73
CA GLY A 162 -1.66 1.18 -7.59
C GLY A 162 -0.97 0.34 -6.52
N ALA A 163 -0.27 -0.71 -6.93
CA ALA A 163 0.48 -1.54 -6.00
C ALA A 163 1.50 -0.71 -5.24
N SER A 164 2.20 0.18 -5.93
CA SER A 164 3.21 1.00 -5.28
C SER A 164 2.58 1.97 -4.28
N MET A 165 1.47 2.61 -4.66
CA MET A 165 0.80 3.52 -3.74
C MET A 165 0.30 2.78 -2.51
N CYS A 166 -0.24 1.58 -2.70
CA CYS A 166 -0.73 0.78 -1.57
C CYS A 166 0.43 0.34 -0.67
N MET A 167 1.57 -0.03 -1.26
CA MET A 167 2.70 -0.44 -0.42
C MET A 167 3.24 0.74 0.38
N ALA A 168 3.30 1.92 -0.23
CA ALA A 168 3.71 3.11 0.50
C ALA A 168 2.75 3.40 1.65
N ARG A 169 1.44 3.32 1.38
CA ARG A 169 0.47 3.59 2.44
C ARG A 169 0.56 2.54 3.54
N MET A 170 0.86 1.29 3.18
CA MET A 170 1.06 0.25 4.18
C MET A 170 2.23 0.58 5.09
N VAL A 171 3.37 0.96 4.51
CA VAL A 171 4.52 1.34 5.31
C VAL A 171 4.17 2.52 6.22
N GLU A 172 3.42 3.49 5.68
CA GLU A 172 3.10 4.70 6.45
C GLU A 172 2.12 4.43 7.58
N SER A 173 1.22 3.45 7.42
CA SER A 173 0.08 3.28 8.31
C SER A 173 0.35 2.37 9.51
N ALA A 174 1.54 1.79 9.63
CA ALA A 174 1.86 0.97 10.78
C ALA A 174 2.23 1.88 11.94
N ALA A 175 1.49 1.77 13.06
CA ALA A 175 1.78 2.60 14.22
C ALA A 175 3.13 2.25 14.82
N SER A 176 3.28 1.01 15.29
CA SER A 176 4.59 0.48 15.67
C SER A 176 5.08 -0.37 14.51
N PRO A 177 5.82 0.22 13.58
CA PRO A 177 6.12 -0.47 12.33
C PRO A 177 7.10 -1.60 12.55
N PRO A 178 6.84 -2.75 11.95
CA PRO A 178 7.82 -3.84 12.00
C PRO A 178 9.00 -3.57 11.08
N VAL A 179 10.02 -2.90 11.62
CA VAL A 179 11.12 -2.42 10.80
C VAL A 179 11.90 -3.58 10.18
N THR A 180 12.13 -4.64 10.95
CA THR A 180 12.89 -5.76 10.41
C THR A 180 12.14 -6.46 9.29
N SER A 181 10.81 -6.61 9.44
CA SER A 181 10.02 -7.23 8.38
C SER A 181 9.84 -6.28 7.19
N PHE A 182 9.85 -4.97 7.44
CA PHE A 182 9.73 -4.00 6.36
C PHE A 182 11.03 -3.86 5.56
N GLN A 183 12.17 -4.15 6.19
CA GLN A 183 13.45 -4.06 5.50
C GLN A 183 13.59 -5.12 4.42
N LYS A 184 12.80 -6.19 4.49
CA LYS A 184 12.81 -7.22 3.46
C LYS A 184 12.30 -6.73 2.11
N LEU A 185 11.72 -5.53 2.07
CA LEU A 185 11.18 -4.99 0.82
C LEU A 185 12.25 -4.34 -0.04
N CYS A 186 13.34 -3.88 0.57
CA CYS A 186 14.37 -3.15 -0.18
C CYS A 186 15.02 -3.98 -1.28
N PRO A 187 15.46 -5.23 -1.06
CA PRO A 187 16.13 -5.96 -2.14
C PRO A 187 15.25 -6.20 -3.36
N ARG A 188 13.93 -6.22 -3.21
CA ARG A 188 13.03 -6.36 -4.35
C ARG A 188 12.72 -5.02 -4.99
N ILE A 189 12.56 -3.98 -4.18
CA ILE A 189 12.31 -2.64 -4.71
C ILE A 189 13.51 -2.16 -5.53
N CYS A 190 14.72 -2.51 -5.12
CA CYS A 190 15.90 -2.16 -5.91
C CYS A 190 15.81 -2.75 -7.32
N LYS A 191 15.54 -4.05 -7.42
CA LYS A 191 15.46 -4.69 -8.73
C LYS A 191 14.28 -4.14 -9.53
N LEU A 192 13.18 -3.78 -8.87
CA LEU A 192 12.05 -3.19 -9.59
C LEU A 192 12.40 -1.81 -10.14
N LEU A 193 13.16 -1.02 -9.39
CA LEU A 193 13.56 0.31 -9.87
C LEU A 193 14.58 0.22 -10.98
N SER A 194 15.45 -0.79 -10.95
CA SER A 194 16.40 -0.97 -12.03
C SER A 194 15.81 -1.69 -13.23
N ASN A 195 14.62 -2.29 -13.09
CA ASN A 195 14.01 -3.05 -14.17
C ASN A 195 13.42 -2.09 -15.21
N SER A 196 13.77 -2.33 -16.47
CA SER A 196 13.25 -1.50 -17.55
C SER A 196 11.77 -1.77 -17.81
N SER A 197 11.29 -2.98 -17.51
CA SER A 197 9.89 -3.31 -17.72
C SER A 197 8.97 -2.61 -16.73
N PHE A 198 9.50 -2.16 -15.59
CA PHE A 198 8.68 -1.48 -14.61
C PHE A 198 8.37 -0.07 -15.08
N LEU A 199 7.08 0.27 -15.10
CA LEU A 199 6.62 1.53 -15.67
C LEU A 199 6.10 2.51 -14.64
N ALA A 200 6.18 2.18 -13.36
CA ALA A 200 5.63 3.02 -12.30
C ALA A 200 6.71 3.39 -11.28
N LYS A 201 7.92 3.70 -11.76
CA LYS A 201 9.00 4.04 -10.84
C LYS A 201 8.68 5.31 -10.04
N ALA A 202 8.00 6.27 -10.68
CA ALA A 202 7.59 7.49 -9.98
C ALA A 202 6.63 7.19 -8.84
N SER A 203 5.91 6.08 -8.90
CA SER A 203 5.04 5.67 -7.80
C SER A 203 5.77 4.79 -6.79
N LEU A 204 6.87 4.16 -7.18
CA LEU A 204 7.62 3.28 -6.29
C LEU A 204 8.66 4.01 -5.46
N LEU A 205 9.19 5.12 -5.98
CA LEU A 205 10.14 5.90 -5.19
C LEU A 205 9.57 6.42 -3.87
N PRO A 206 8.32 6.91 -3.81
CA PRO A 206 7.74 7.25 -2.50
C PRO A 206 7.69 6.08 -1.53
N VAL A 207 7.65 4.83 -2.03
CA VAL A 207 7.75 3.69 -1.12
C VAL A 207 9.10 3.69 -0.42
N VAL A 208 10.17 4.00 -1.17
CA VAL A 208 11.49 4.11 -0.56
C VAL A 208 11.52 5.26 0.44
N SER A 209 10.89 6.38 0.08
CA SER A 209 10.83 7.50 1.01
C SER A 209 10.13 7.11 2.31
N SER A 210 9.03 6.36 2.20
CA SER A 210 8.30 5.92 3.39
C SER A 210 9.13 4.95 4.23
N LEU A 211 9.79 3.99 3.58
CA LEU A 211 10.69 3.10 4.29
C LEU A 211 11.77 3.88 5.03
N SER A 212 12.27 4.95 4.43
CA SER A 212 13.24 5.80 5.12
C SER A 212 12.61 6.53 6.29
N GLN A 213 11.34 6.94 6.16
CA GLN A 213 10.67 7.64 7.25
C GLN A 213 10.57 6.78 8.50
N VAL A 214 10.23 5.49 8.34
CA VAL A 214 10.08 4.59 9.48
C VAL A 214 11.41 3.91 9.77
N GLY A 215 12.47 4.36 9.10
CA GLY A 215 13.80 3.82 9.32
C GLY A 215 13.92 2.34 9.01
N ALA A 216 13.31 1.90 7.91
CA ALA A 216 13.33 0.50 7.51
C ALA A 216 14.12 0.30 6.22
N ILE A 217 15.20 1.06 6.06
CA ILE A 217 16.09 0.93 4.90
C ILE A 217 17.13 -0.13 5.21
N ALA A 218 17.18 -1.17 4.39
CA ALA A 218 18.17 -2.24 4.57
C ALA A 218 19.56 -1.72 4.23
N PRO A 219 20.49 -1.71 5.18
CA PRO A 219 21.83 -1.17 4.87
C PRO A 219 22.59 -1.99 3.85
N GLN A 220 22.35 -3.29 3.76
CA GLN A 220 23.02 -4.12 2.77
C GLN A 220 22.53 -3.83 1.36
N SER A 221 21.39 -3.16 1.22
CA SER A 221 20.84 -2.83 -0.09
C SER A 221 20.91 -1.34 -0.40
N LEU A 222 21.51 -0.55 0.50
CA LEU A 222 21.50 0.90 0.35
C LEU A 222 22.29 1.36 -0.86
N GLU A 223 23.43 0.71 -1.14
CA GLU A 223 24.24 1.13 -2.28
C GLU A 223 23.50 0.87 -3.60
N SER A 224 22.88 -0.31 -3.72
CA SER A 224 22.09 -0.61 -4.91
C SER A 224 20.86 0.29 -5.00
N LEU A 225 20.30 0.68 -3.85
CA LEU A 225 19.21 1.65 -3.84
C LEU A 225 19.65 2.98 -4.42
N LEU A 226 20.80 3.49 -3.96
CA LEU A 226 21.32 4.73 -4.50
C LEU A 226 21.63 4.62 -5.99
N GLU A 227 22.12 3.45 -6.42
CA GLU A 227 22.38 3.25 -7.84
C GLU A 227 21.09 3.33 -8.66
N SER A 228 20.04 2.65 -8.19
CA SER A 228 18.76 2.71 -8.90
C SER A 228 18.17 4.12 -8.88
N ILE A 229 18.40 4.87 -7.80
CA ILE A 229 17.91 6.24 -7.74
C ILE A 229 18.66 7.12 -8.73
N HIS A 230 19.96 6.89 -8.90
CA HIS A 230 20.71 7.60 -9.95
C HIS A 230 20.14 7.27 -11.32
N ASP A 231 19.87 5.98 -11.58
CA ASP A 231 19.23 5.58 -12.83
C ASP A 231 17.94 6.35 -13.05
N CYS A 232 17.09 6.43 -12.02
CA CYS A 232 15.82 7.15 -12.14
C CYS A 232 16.03 8.63 -12.37
N LEU A 233 17.08 9.21 -11.77
CA LEU A 233 17.45 10.58 -12.11
C LEU A 233 17.81 10.70 -13.59
N GLY A 234 18.30 9.62 -14.19
CA GLY A 234 18.59 9.62 -15.60
C GLY A 234 17.42 9.36 -16.52
N SER A 235 16.19 9.29 -16.02
CA SER A 235 15.05 8.90 -16.83
C SER A 235 14.60 10.04 -17.75
N THR A 236 13.86 9.67 -18.80
CA THR A 236 13.32 10.68 -19.70
C THR A 236 12.05 11.32 -19.16
N ASP A 237 11.31 10.62 -18.30
CA ASP A 237 10.11 11.18 -17.69
C ASP A 237 10.52 12.14 -16.58
N TRP A 238 10.12 13.41 -16.71
CA TRP A 238 10.49 14.40 -15.70
C TRP A 238 9.88 14.07 -14.34
N VAL A 239 8.71 13.42 -14.35
CA VAL A 239 8.08 13.04 -13.09
C VAL A 239 8.94 12.04 -12.34
N THR A 240 9.52 11.07 -13.06
CA THR A 240 10.41 10.10 -12.42
C THR A 240 11.66 10.78 -11.86
N ARG A 241 12.22 11.75 -12.59
CA ARG A 241 13.41 12.44 -12.10
C ARG A 241 13.09 13.25 -10.84
N LYS A 242 11.97 13.98 -10.85
CA LYS A 242 11.58 14.74 -9.67
C LYS A 242 11.32 13.83 -8.48
N ALA A 243 10.69 12.67 -8.73
CA ALA A 243 10.44 11.72 -7.66
C ALA A 243 11.75 11.17 -7.09
N ALA A 244 12.73 10.89 -7.96
CA ALA A 244 14.01 10.40 -7.48
C ALA A 244 14.73 11.46 -6.64
N ALA A 245 14.68 12.71 -7.08
CA ALA A 245 15.27 13.79 -6.29
C ALA A 245 14.59 13.88 -4.93
N GLU A 246 13.26 13.79 -4.89
CA GLU A 246 12.56 13.90 -3.61
C GLU A 246 12.80 12.68 -2.72
N THR A 247 13.05 11.52 -3.31
CA THR A 247 13.42 10.36 -2.52
C THR A 247 14.82 10.53 -1.93
N LEU A 248 15.75 11.10 -2.72
CA LEU A 248 17.06 11.44 -2.16
C LEU A 248 16.93 12.43 -1.00
N THR A 249 16.04 13.41 -1.16
CA THR A 249 15.76 14.35 -0.08
C THR A 249 15.27 13.61 1.16
N ALA A 250 14.31 12.70 0.99
CA ALA A 250 13.78 11.95 2.13
C ALA A 250 14.85 11.09 2.78
N LEU A 251 15.73 10.48 1.98
CA LEU A 251 16.80 9.66 2.53
C LEU A 251 17.76 10.50 3.35
N ALA A 252 18.14 11.67 2.84
CA ALA A 252 19.02 12.55 3.60
C ALA A 252 18.33 13.10 4.85
N SER A 253 17.00 13.22 4.81
CA SER A 253 16.25 13.83 5.91
C SER A 253 15.89 12.85 7.01
N HIS A 254 15.79 11.55 6.71
CA HIS A 254 15.36 10.56 7.68
C HIS A 254 16.36 9.43 7.89
N SER A 255 17.17 9.10 6.90
CA SER A 255 18.25 8.13 7.04
C SER A 255 19.61 8.83 7.07
N SER A 256 19.66 9.93 7.83
CA SER A 256 20.85 10.77 7.86
C SER A 256 22.08 9.98 8.31
N GLY A 257 21.97 9.28 9.44
CA GLY A 257 23.10 8.52 9.94
C GLY A 257 23.48 7.33 9.08
N LEU A 258 22.58 6.89 8.21
CA LEU A 258 22.85 5.71 7.38
C LEU A 258 23.61 6.04 6.11
N ILE A 259 23.63 7.31 5.68
CA ILE A 259 24.23 7.71 4.42
C ILE A 259 25.43 8.62 4.61
N LYS A 260 25.89 8.80 5.86
CA LYS A 260 26.93 9.80 6.13
C LYS A 260 28.18 9.56 5.30
N GLU A 261 28.61 8.30 5.18
CA GLU A 261 29.83 8.01 4.45
C GLU A 261 29.62 8.10 2.94
N LYS A 262 28.58 7.45 2.43
CA LYS A 262 28.34 7.37 0.99
C LYS A 262 27.48 8.56 0.56
N THR A 263 28.14 9.68 0.27
CA THR A 263 27.46 10.86 -0.24
C THR A 263 28.02 11.37 -1.56
N ASP A 264 29.31 11.13 -1.84
CA ASP A 264 29.98 11.84 -2.92
C ASP A 264 29.40 11.46 -4.29
N SER A 265 29.05 10.19 -4.48
CA SER A 265 28.50 9.78 -5.78
C SER A 265 27.11 10.38 -6.01
N THR A 266 26.25 10.32 -4.99
CA THR A 266 24.95 10.96 -5.09
C THR A 266 25.07 12.45 -5.30
N ILE A 267 25.98 13.10 -4.56
CA ILE A 267 26.19 14.53 -4.72
C ILE A 267 26.65 14.85 -6.13
N THR A 268 27.53 14.01 -6.69
CA THR A 268 28.02 14.24 -8.05
C THR A 268 26.88 14.12 -9.06
N VAL A 269 26.04 13.09 -8.92
CA VAL A 269 24.91 12.94 -9.85
C VAL A 269 23.98 14.14 -9.75
N LEU A 270 23.70 14.60 -8.52
CA LEU A 270 22.87 15.79 -8.35
C LEU A 270 23.51 17.01 -8.99
N GLU A 271 24.84 17.14 -8.88
CA GLU A 271 25.53 18.26 -9.51
C GLU A 271 25.34 18.21 -11.03
N THR A 272 25.38 17.01 -11.60
CA THR A 272 25.17 16.89 -13.04
C THR A 272 23.71 17.12 -13.44
N CYS A 273 22.77 16.96 -12.52
CA CYS A 273 21.36 17.13 -12.84
C CYS A 273 20.80 18.48 -12.42
N ARG A 274 21.63 19.40 -11.91
CA ARG A 274 21.10 20.67 -11.42
C ARG A 274 20.71 21.64 -12.52
N PHE A 275 20.94 21.28 -13.80
CA PHE A 275 20.54 22.14 -14.90
C PHE A 275 19.55 21.43 -15.81
N ASP A 276 18.55 20.78 -15.21
CA ASP A 276 17.51 20.12 -15.98
C ASP A 276 16.61 21.15 -16.66
N LYS A 277 16.14 20.81 -17.86
CA LYS A 277 15.27 21.73 -18.59
C LYS A 277 13.92 21.92 -17.91
N ILE A 278 13.51 20.98 -17.06
CA ILE A 278 12.24 21.08 -16.35
C ILE A 278 12.50 21.77 -15.00
N LYS A 279 11.77 22.85 -14.74
CA LYS A 279 12.01 23.67 -13.56
C LYS A 279 11.71 22.94 -12.25
N PRO A 280 10.60 22.19 -12.12
CA PRO A 280 10.40 21.42 -10.89
C PRO A 280 11.50 20.40 -10.64
N VAL A 281 12.02 19.79 -11.70
CA VAL A 281 13.16 18.89 -11.55
C VAL A 281 14.37 19.67 -11.04
N ARG A 282 14.62 20.86 -11.61
CA ARG A 282 15.70 21.71 -11.12
C ARG A 282 15.57 21.98 -9.63
N GLU A 283 14.37 22.36 -9.19
CA GLU A 283 14.19 22.71 -7.78
C GLU A 283 14.37 21.51 -6.87
N SER A 284 13.82 20.35 -7.25
CA SER A 284 13.98 19.16 -6.42
C SER A 284 15.44 18.72 -6.36
N VAL A 285 16.14 18.82 -7.49
CA VAL A 285 17.56 18.46 -7.52
C VAL A 285 18.38 19.38 -6.64
N THR A 286 18.07 20.69 -6.70
CA THR A 286 18.77 21.65 -5.85
C THR A 286 18.52 21.37 -4.37
N GLU A 287 17.27 21.07 -4.01
CA GLU A 287 16.94 20.75 -2.63
C GLU A 287 17.73 19.53 -2.15
N ALA A 288 17.67 18.43 -2.90
CA ALA A 288 18.39 17.23 -2.52
C ALA A 288 19.89 17.47 -2.45
N LEU A 289 20.42 18.26 -3.39
CA LEU A 289 21.85 18.54 -3.41
C LEU A 289 22.29 19.32 -2.18
N GLN A 290 21.52 20.35 -1.82
CA GLN A 290 21.83 21.08 -0.58
C GLN A 290 21.79 20.17 0.63
N LEU A 291 20.76 19.32 0.72
CA LEU A 291 20.63 18.46 1.90
C LEU A 291 21.81 17.49 1.99
N TRP A 292 22.21 16.88 0.87
CA TRP A 292 23.31 15.94 0.90
C TRP A 292 24.64 16.64 1.15
N LYS A 293 24.80 17.87 0.64
CA LYS A 293 26.01 18.64 0.93
C LYS A 293 26.11 18.94 2.42
N LYS A 294 25.00 19.32 3.05
CA LYS A 294 25.03 19.61 4.48
C LYS A 294 25.25 18.34 5.30
N ILE A 295 24.69 17.21 4.86
CA ILE A 295 24.97 15.95 5.54
C ILE A 295 26.45 15.60 5.45
N SER A 296 27.07 15.85 4.29
CA SER A 296 28.48 15.55 4.14
C SER A 296 29.35 16.65 4.75
N GLY A 297 29.17 17.89 4.30
CA GLY A 297 29.95 19.00 4.80
C GLY A 297 30.79 19.67 3.74
N LYS A 298 30.16 20.47 2.88
CA LYS A 298 30.87 21.24 1.86
C LYS A 298 31.14 22.68 2.28
N TYR A 299 30.74 23.08 3.48
CA TYR A 299 30.94 24.45 3.93
C TYR A 299 32.42 24.73 4.15
#